data_1JM1
#
_entry.id   1JM1
#
_cell.length_a   80.252
_cell.length_b   80.252
_cell.length_c   75.624
_cell.angle_alpha   90.00
_cell.angle_beta   90.00
_cell.angle_gamma   120.00
#
_symmetry.space_group_name_H-M   'P 61'
#
loop_
_entity.id
_entity.type
_entity.pdbx_description
1 polymer 'Rieske iron-sulfur protein soxF'
2 non-polymer 'MAGNESIUM ION'
3 non-polymer 'FE2/S2 (INORGANIC) CLUSTER'
4 water water
#
_entity_poly.entity_id   1
_entity_poly.type   'polypeptide(L)'
_entity_poly.pdbx_seq_one_letter_code
;ADNTDGLAGFPRYKVANIQQVQQQIKSSGCAVYFFAYPLTDEPCFLVDLQALTGQQITEIPNPYYGKYAGPLGQIQTIKG
VGPNGTIFAFSDVCVHLGCQLPAQVIVSSESDPGLYAKGADLHCPCHGSIYALKDGGVVVSGPAPRPLPIVILDYDSSTG
DIYAVGTNAPYFSAGIPRTTPQDNLLYDPRYSYSVPNNPSCSNG
;
_entity_poly.pdbx_strand_id   A
#
loop_
_chem_comp.id
_chem_comp.type
_chem_comp.name
_chem_comp.formula
FES non-polymer 'FE2/S2 (INORGANIC) CLUSTER' 'Fe2 S2'
MG non-polymer 'MAGNESIUM ION' 'Mg 2'
#
# COMPACT_ATOMS: atom_id res chain seq x y z
N ASN A 3 9.08 12.85 -13.26
CA ASN A 3 9.47 11.97 -14.31
C ASN A 3 8.28 11.08 -14.65
N THR A 4 8.37 10.44 -15.76
CA THR A 4 7.38 9.46 -16.20
C THR A 4 8.13 8.13 -16.42
N ASP A 5 9.10 7.84 -15.57
CA ASP A 5 9.92 6.63 -15.78
C ASP A 5 9.39 5.41 -15.05
N GLY A 6 8.23 5.57 -14.39
CA GLY A 6 7.56 4.43 -13.87
C GLY A 6 6.69 3.74 -14.87
N LEU A 7 5.61 3.06 -14.46
CA LEU A 7 4.71 2.40 -15.38
C LEU A 7 3.62 3.33 -15.82
N ALA A 8 3.35 3.28 -17.14
CA ALA A 8 2.14 3.85 -17.72
C ALA A 8 1.96 5.31 -17.29
N GLY A 9 3.03 6.10 -17.31
CA GLY A 9 2.98 7.52 -17.08
C GLY A 9 3.27 7.97 -15.62
N PHE A 10 3.36 7.03 -14.70
CA PHE A 10 3.71 7.31 -13.34
C PHE A 10 5.19 7.63 -13.21
N PRO A 11 5.59 8.34 -12.16
CA PRO A 11 7.03 8.52 -11.85
C PRO A 11 7.60 7.27 -11.25
N ARG A 12 8.91 7.14 -11.37
CA ARG A 12 9.70 6.15 -10.66
C ARG A 12 10.32 6.88 -9.46
N TYR A 13 9.89 6.52 -8.24
CA TYR A 13 10.25 7.17 -7.01
C TYR A 13 10.95 6.21 -6.09
N LYS A 14 12.13 6.55 -5.57
CA LYS A 14 12.82 5.71 -4.62
C LYS A 14 12.19 5.81 -3.25
N VAL A 15 11.69 4.73 -2.75
CA VAL A 15 11.05 4.66 -1.42
C VAL A 15 12.11 4.54 -0.34
N ALA A 16 12.97 3.53 -0.48
CA ALA A 16 13.96 3.17 0.53
C ALA A 16 14.89 2.13 -0.06
N ASN A 17 16.06 1.95 0.54
CA ASN A 17 16.88 0.80 0.24
C ASN A 17 16.42 -0.38 1.05
N ILE A 18 16.59 -1.59 0.52
CA ILE A 18 16.25 -2.80 1.29
C ILE A 18 16.90 -2.81 2.64
N GLN A 19 18.13 -2.30 2.77
CA GLN A 19 18.79 -2.35 4.09
C GLN A 19 18.14 -1.43 5.10
N GLN A 20 17.52 -0.34 4.67
CA GLN A 20 16.76 0.53 5.57
C GLN A 20 15.56 -0.25 6.10
N VAL A 21 14.88 -0.99 5.25
CA VAL A 21 13.71 -1.77 5.68
C VAL A 21 14.14 -2.87 6.61
N GLN A 22 15.17 -3.62 6.21
CA GLN A 22 15.63 -4.69 7.10
C GLN A 22 16.18 -4.24 8.42
N GLN A 23 16.92 -3.14 8.41
CA GLN A 23 17.46 -2.63 9.68
C GLN A 23 16.32 -2.23 10.57
N GLN A 24 15.27 -1.59 10.02
CA GLN A 24 14.19 -1.22 10.84
C GLN A 24 13.51 -2.44 11.45
N ILE A 25 13.27 -3.50 10.65
CA ILE A 25 12.66 -4.69 11.17
C ILE A 25 13.52 -5.32 12.25
N LYS A 26 14.83 -5.40 12.03
CA LYS A 26 15.70 -5.98 13.05
C LYS A 26 15.78 -5.20 14.34
N SER A 27 15.77 -3.89 14.24
CA SER A 27 16.01 -3.07 15.41
C SER A 27 14.74 -2.82 16.18
N SER A 28 13.63 -2.64 15.52
CA SER A 28 12.41 -2.18 16.17
C SER A 28 11.27 -3.17 16.07
N GLY A 29 11.37 -4.14 15.15
CA GLY A 29 10.30 -5.05 14.89
C GLY A 29 9.23 -4.45 13.99
N CYS A 30 9.38 -3.28 13.49
CA CYS A 30 8.33 -2.60 12.73
C CYS A 30 8.45 -2.95 11.25
N ALA A 31 7.40 -3.67 10.72
CA ALA A 31 7.42 -4.15 9.32
C ALA A 31 6.72 -3.25 8.36
N VAL A 32 6.35 -2.03 8.77
CA VAL A 32 5.61 -1.07 7.95
C VAL A 32 6.49 0.15 7.80
N TYR A 33 6.52 0.73 6.57
CA TYR A 33 7.40 1.84 6.26
C TYR A 33 6.63 2.83 5.42
N PHE A 34 6.34 4.02 5.97
CA PHE A 34 5.48 4.99 5.31
C PHE A 34 6.24 5.84 4.33
N PHE A 35 5.53 6.28 3.30
CA PHE A 35 6.06 7.18 2.28
C PHE A 35 4.87 7.87 1.61
N ALA A 36 5.12 8.76 0.70
CA ALA A 36 4.07 9.39 -0.10
C ALA A 36 4.34 9.14 -1.56
N TYR A 37 3.29 8.87 -2.34
CA TYR A 37 3.48 8.55 -3.75
C TYR A 37 2.13 8.51 -4.46
N PRO A 38 2.05 8.95 -5.72
CA PRO A 38 3.08 9.65 -6.48
C PRO A 38 3.28 11.09 -6.13
N LEU A 39 2.37 11.71 -5.34
CA LEU A 39 2.47 13.05 -4.90
C LEU A 39 2.72 13.12 -3.42
N THR A 40 3.27 14.23 -2.97
CA THR A 40 3.70 14.34 -1.56
C THR A 40 2.62 14.21 -0.65
N ASP A 41 1.37 14.53 -0.92
CA ASP A 41 0.23 14.43 0.04
C ASP A 41 -0.61 13.15 0.00
N GLU A 42 -0.08 12.11 -0.62
CA GLU A 42 -0.77 10.82 -0.83
C GLU A 42 -0.02 9.75 -0.05
N PRO A 43 -0.44 9.48 1.19
CA PRO A 43 0.31 8.56 2.01
C PRO A 43 0.13 7.11 1.60
N CYS A 44 1.21 6.36 1.71
CA CYS A 44 1.32 4.95 1.38
C CYS A 44 2.13 4.25 2.41
N PHE A 45 2.16 2.92 2.40
CA PHE A 45 3.11 2.18 3.22
C PHE A 45 3.63 0.98 2.48
N LEU A 46 4.91 0.68 2.70
CA LEU A 46 5.50 -0.60 2.43
C LEU A 46 5.20 -1.51 3.59
N VAL A 47 5.06 -2.80 3.29
CA VAL A 47 4.94 -3.81 4.35
C VAL A 47 5.67 -5.05 3.90
N ASP A 48 6.48 -5.61 4.81
CA ASP A 48 7.08 -6.92 4.59
C ASP A 48 6.11 -7.91 5.15
N LEU A 49 5.35 -8.60 4.24
CA LEU A 49 4.30 -9.48 4.71
C LEU A 49 4.84 -10.70 5.41
N GLN A 50 6.05 -11.14 5.15
CA GLN A 50 6.63 -12.27 5.90
C GLN A 50 7.02 -11.85 7.29
N ALA A 51 7.67 -10.67 7.45
CA ALA A 51 7.94 -10.20 8.78
C ALA A 51 6.65 -10.02 9.58
N LEU A 52 5.62 -9.55 8.94
CA LEU A 52 4.36 -9.28 9.61
C LEU A 52 3.67 -10.59 10.08
N THR A 53 3.50 -11.53 9.14
CA THR A 53 2.65 -12.69 9.34
C THR A 53 3.41 -13.95 9.73
N GLY A 54 4.66 -14.01 9.51
CA GLY A 54 5.42 -15.25 9.64
C GLY A 54 5.30 -16.16 8.45
N GLN A 55 4.59 -15.88 7.45
CA GLN A 55 4.33 -16.64 6.24
C GLN A 55 5.10 -16.08 5.06
N GLN A 56 5.59 -16.99 4.21
CA GLN A 56 6.35 -16.54 3.03
C GLN A 56 5.44 -16.11 1.95
N ILE A 57 4.88 -14.97 2.00
CA ILE A 57 3.95 -14.41 1.01
C ILE A 57 4.77 -13.66 -0.02
N THR A 58 4.78 -14.16 -1.25
CA THR A 58 5.62 -13.62 -2.31
C THR A 58 4.82 -13.13 -3.50
N GLU A 59 3.51 -13.33 -3.54
CA GLU A 59 2.70 -12.90 -4.68
C GLU A 59 1.25 -12.80 -4.17
N ILE A 60 0.58 -11.74 -4.56
CA ILE A 60 -0.81 -11.50 -4.16
C ILE A 60 -1.57 -11.15 -5.46
N PRO A 61 -2.91 -11.32 -5.48
CA PRO A 61 -3.64 -11.01 -6.71
C PRO A 61 -3.79 -9.53 -6.90
N ASN A 62 -3.99 -9.12 -8.19
CA ASN A 62 -4.47 -7.81 -8.47
C ASN A 62 -5.97 -7.85 -8.65
N PRO A 63 -6.77 -7.47 -7.65
CA PRO A 63 -8.24 -7.58 -7.79
C PRO A 63 -8.83 -6.64 -8.81
N TYR A 64 -8.07 -5.65 -9.27
CA TYR A 64 -8.52 -4.67 -10.26
C TYR A 64 -8.18 -5.08 -11.70
N TYR A 65 -7.69 -6.31 -11.93
CA TYR A 65 -7.41 -6.72 -13.32
C TYR A 65 -8.63 -6.49 -14.19
N GLY A 66 -8.42 -5.86 -15.33
CA GLY A 66 -9.45 -5.58 -16.29
C GLY A 66 -10.40 -4.47 -15.93
N LYS A 67 -10.21 -3.79 -14.77
CA LYS A 67 -11.08 -2.70 -14.38
C LYS A 67 -10.65 -1.36 -14.92
N TYR A 68 -9.38 -1.25 -15.33
CA TYR A 68 -8.80 -0.05 -15.86
C TYR A 68 -8.04 -0.39 -17.14
N ALA A 69 -7.70 0.58 -17.95
N ALA A 69 -7.79 0.68 -17.86
CA ALA A 69 -6.97 0.25 -19.19
CA ALA A 69 -7.14 0.63 -19.15
C ALA A 69 -5.65 -0.44 -18.92
C ALA A 69 -5.63 0.55 -18.99
N GLY A 70 -5.22 -1.24 -19.87
N GLY A 70 -5.04 0.02 -20.05
CA GLY A 70 -3.83 -1.79 -19.74
CA GLY A 70 -3.66 -0.05 -20.32
C GLY A 70 -2.91 -0.65 -20.03
C GLY A 70 -2.91 -1.02 -19.45
N PRO A 71 -1.63 -0.70 -19.63
N PRO A 71 -1.57 -0.90 -19.51
CA PRO A 71 -1.04 -1.88 -19.00
CA PRO A 71 -0.68 -1.80 -18.76
C PRO A 71 -1.33 -2.01 -17.54
C PRO A 71 -1.08 -2.03 -17.33
N LEU A 72 -1.63 -0.97 -16.75
CA LEU A 72 -1.83 -1.16 -15.30
C LEU A 72 -3.02 -2.08 -15.03
N GLY A 73 -4.05 -2.00 -15.86
CA GLY A 73 -5.20 -2.86 -15.72
C GLY A 73 -4.96 -4.31 -16.14
N GLN A 74 -3.84 -4.57 -16.81
CA GLN A 74 -3.52 -5.91 -17.28
C GLN A 74 -2.68 -6.68 -16.30
N ILE A 75 -2.23 -6.06 -15.22
CA ILE A 75 -1.42 -6.76 -14.21
C ILE A 75 -2.36 -7.77 -13.52
N GLN A 76 -1.96 -9.07 -13.56
CA GLN A 76 -2.78 -10.09 -12.93
C GLN A 76 -2.46 -10.31 -11.48
N THR A 77 -1.19 -10.20 -11.12
CA THR A 77 -0.70 -10.44 -9.78
C THR A 77 0.39 -9.44 -9.49
N ILE A 78 0.59 -9.20 -8.20
CA ILE A 78 1.62 -8.31 -7.69
C ILE A 78 2.67 -9.18 -7.01
N LYS A 79 3.87 -9.13 -7.52
CA LYS A 79 4.97 -9.90 -6.89
C LYS A 79 5.60 -9.07 -5.80
N GLY A 80 5.89 -9.71 -4.67
CA GLY A 80 6.65 -9.08 -3.62
C GLY A 80 8.07 -8.83 -4.11
N VAL A 81 8.70 -7.77 -3.60
CA VAL A 81 10.00 -7.40 -4.08
C VAL A 81 11.09 -7.54 -3.00
N GLY A 82 12.32 -7.43 -3.47
CA GLY A 82 13.51 -7.57 -2.67
C GLY A 82 13.98 -8.99 -2.63
N PRO A 83 15.10 -9.25 -1.94
CA PRO A 83 15.73 -10.59 -1.98
C PRO A 83 14.86 -11.69 -1.42
N ASN A 84 13.94 -11.41 -0.53
CA ASN A 84 13.04 -12.42 0.00
C ASN A 84 11.74 -12.49 -0.79
N GLY A 85 11.46 -11.54 -1.67
CA GLY A 85 10.24 -11.52 -2.44
C GLY A 85 8.98 -11.14 -1.64
N THR A 86 9.12 -10.48 -0.51
CA THR A 86 8.00 -10.38 0.44
C THR A 86 7.56 -8.95 0.71
N ILE A 87 8.09 -7.95 0.00
CA ILE A 87 7.74 -6.55 0.25
C ILE A 87 6.69 -6.07 -0.73
N PHE A 88 5.62 -5.52 -0.19
CA PHE A 88 4.46 -5.01 -0.92
C PHE A 88 4.20 -3.58 -0.44
N ALA A 89 3.28 -2.91 -1.10
CA ALA A 89 2.90 -1.56 -0.69
C ALA A 89 1.46 -1.27 -1.05
N PHE A 90 0.84 -0.40 -0.24
CA PHE A 90 -0.56 -0.04 -0.38
C PHE A 90 -0.72 1.45 -0.15
N SER A 91 -1.84 1.99 -0.69
CA SER A 91 -2.34 3.28 -0.24
C SER A 91 -2.68 3.21 1.25
N ASP A 92 -2.43 4.34 1.94
CA ASP A 92 -2.80 4.50 3.34
C ASP A 92 -4.11 5.27 3.50
N VAL A 93 -4.90 5.44 2.46
CA VAL A 93 -6.18 6.17 2.51
C VAL A 93 -7.31 5.18 2.25
N CYS A 94 -8.21 5.04 3.23
CA CYS A 94 -9.35 4.18 3.09
C CYS A 94 -10.24 4.61 1.93
N VAL A 95 -10.68 3.63 1.14
CA VAL A 95 -11.51 3.91 -0.05
C VAL A 95 -13.00 3.89 0.27
N HIS A 96 -13.39 3.77 1.54
CA HIS A 96 -14.77 4.01 1.95
C HIS A 96 -15.00 5.52 2.02
N LEU A 97 -14.42 6.18 3.03
CA LEU A 97 -14.65 7.61 3.28
C LEU A 97 -13.39 8.33 3.60
N GLY A 98 -12.20 7.84 3.16
CA GLY A 98 -11.02 8.65 3.17
C GLY A 98 -10.34 8.82 4.50
N CYS A 99 -10.67 8.03 5.53
CA CYS A 99 -9.84 8.06 6.71
C CYS A 99 -8.45 7.51 6.40
N GLN A 100 -7.46 8.00 7.12
CA GLN A 100 -6.11 7.47 7.02
C GLN A 100 -6.02 6.21 7.85
N LEU A 101 -5.43 5.16 7.29
CA LEU A 101 -5.47 3.84 7.89
C LEU A 101 -4.31 3.67 8.86
N PRO A 102 -4.58 3.18 10.07
CA PRO A 102 -3.52 3.05 11.10
C PRO A 102 -2.73 1.75 10.97
N ALA A 103 -2.02 1.64 9.84
CA ALA A 103 -1.22 0.46 9.58
C ALA A 103 -0.07 0.29 10.55
N GLN A 104 0.28 1.36 11.26
CA GLN A 104 1.35 1.31 12.26
C GLN A 104 0.91 0.74 13.61
N VAL A 105 -0.41 0.62 13.82
CA VAL A 105 -0.94 0.12 15.11
C VAL A 105 -1.10 -1.38 14.95
N ILE A 106 -0.18 -2.16 15.50
CA ILE A 106 -0.16 -3.60 15.30
C ILE A 106 -1.02 -4.27 16.36
N VAL A 107 -2.03 -5.01 15.95
CA VAL A 107 -3.04 -5.51 16.84
C VAL A 107 -3.08 -7.05 16.78
N SER A 108 -3.73 -7.59 17.83
CA SER A 108 -3.78 -9.05 17.96
C SER A 108 -5.19 -9.58 17.86
N SER A 109 -6.16 -8.76 17.45
CA SER A 109 -7.47 -9.17 17.22
C SER A 109 -8.01 -8.50 15.90
N GLU A 110 -8.74 -9.27 15.13
CA GLU A 110 -9.32 -8.85 13.93
C GLU A 110 -10.31 -7.69 14.15
N SER A 111 -10.97 -7.68 15.26
N SER A 111 -10.94 -7.61 15.29
CA SER A 111 -11.89 -6.71 15.79
CA SER A 111 -11.94 -6.61 15.57
C SER A 111 -11.32 -5.33 16.01
C SER A 111 -11.34 -5.34 16.12
N ASP A 112 -10.02 -5.19 16.23
CA ASP A 112 -9.36 -3.94 16.62
C ASP A 112 -8.95 -3.13 15.38
N PRO A 113 -9.24 -1.84 15.31
CA PRO A 113 -8.64 -1.01 14.24
C PRO A 113 -7.16 -1.06 14.31
N GLY A 114 -6.52 -1.07 13.18
CA GLY A 114 -5.06 -1.28 13.07
C GLY A 114 -4.78 -2.46 12.15
N LEU A 115 -3.54 -2.90 12.19
CA LEU A 115 -3.04 -3.96 11.33
C LEU A 115 -2.93 -5.23 12.16
N TYR A 116 -3.80 -6.17 11.89
CA TYR A 116 -3.85 -7.49 12.55
C TYR A 116 -2.74 -8.30 11.91
N ALA A 117 -1.63 -8.43 12.60
CA ALA A 117 -0.41 -8.97 11.97
C ALA A 117 -0.59 -10.39 11.52
N LYS A 118 -1.21 -11.24 12.38
CA LYS A 118 -1.27 -12.66 12.03
C LYS A 118 -2.04 -12.84 10.75
N GLY A 119 -3.05 -12.04 10.51
CA GLY A 119 -3.90 -12.18 9.31
C GLY A 119 -3.59 -11.22 8.19
N ALA A 120 -2.68 -10.30 8.38
CA ALA A 120 -2.42 -9.22 7.43
C ALA A 120 -3.69 -8.49 7.05
N ASP A 121 -4.52 -8.19 8.05
CA ASP A 121 -5.79 -7.51 7.83
C ASP A 121 -5.74 -6.11 8.38
N LEU A 122 -6.04 -5.11 7.58
CA LEU A 122 -5.96 -3.72 7.95
C LEU A 122 -7.38 -3.17 8.18
N HIS A 123 -7.68 -2.80 9.41
CA HIS A 123 -9.03 -2.45 9.87
C HIS A 123 -9.10 -0.93 10.11
N CYS A 124 -9.99 -0.27 9.40
CA CYS A 124 -10.16 1.16 9.48
C CYS A 124 -10.98 1.54 10.69
N PRO A 125 -10.54 2.51 11.51
CA PRO A 125 -11.31 2.89 12.71
C PRO A 125 -12.58 3.63 12.39
N CYS A 126 -12.73 4.26 11.25
CA CYS A 126 -13.88 5.14 11.07
C CYS A 126 -15.18 4.38 10.94
N HIS A 127 -15.24 3.37 10.06
CA HIS A 127 -16.48 2.59 9.86
C HIS A 127 -16.19 1.09 9.77
N GLY A 128 -15.00 0.62 10.12
CA GLY A 128 -14.75 -0.80 10.25
C GLY A 128 -14.50 -1.55 8.95
N SER A 129 -14.14 -0.88 7.86
CA SER A 129 -13.66 -1.61 6.69
C SER A 129 -12.41 -2.39 7.03
N ILE A 130 -12.36 -3.64 6.56
CA ILE A 130 -11.18 -4.50 6.75
C ILE A 130 -10.70 -4.94 5.38
N TYR A 131 -9.42 -4.66 5.12
CA TYR A 131 -8.74 -5.02 3.87
C TYR A 131 -7.78 -6.15 4.12
N ALA A 132 -7.90 -7.24 3.33
CA ALA A 132 -7.07 -8.41 3.47
C ALA A 132 -5.84 -8.22 2.58
N LEU A 133 -4.75 -7.70 3.16
CA LEU A 133 -3.58 -7.34 2.36
C LEU A 133 -2.98 -8.53 1.64
N LYS A 134 -2.92 -9.71 2.27
CA LYS A 134 -2.30 -10.84 1.61
C LYS A 134 -3.23 -11.41 0.51
N ASP A 135 -4.48 -10.96 0.43
CA ASP A 135 -5.41 -11.30 -0.63
C ASP A 135 -5.58 -10.14 -1.60
N GLY A 136 -4.58 -9.23 -1.68
CA GLY A 136 -4.62 -8.17 -2.65
C GLY A 136 -5.39 -6.94 -2.25
N GLY A 137 -5.68 -6.80 -0.93
CA GLY A 137 -6.39 -5.64 -0.42
C GLY A 137 -7.89 -5.71 -0.49
N VAL A 138 -8.44 -6.89 -0.84
CA VAL A 138 -9.88 -7.05 -0.96
C VAL A 138 -10.56 -6.82 0.38
N VAL A 139 -11.82 -6.36 0.28
CA VAL A 139 -12.60 -6.04 1.48
C VAL A 139 -13.22 -7.29 2.04
N VAL A 140 -12.97 -7.60 3.29
CA VAL A 140 -13.51 -8.77 3.98
C VAL A 140 -14.51 -8.39 5.04
N SER A 141 -14.68 -7.15 5.38
CA SER A 141 -15.70 -6.69 6.32
C SER A 141 -15.88 -5.22 6.12
N GLY A 142 -17.08 -4.69 6.52
CA GLY A 142 -17.30 -3.27 6.53
C GLY A 142 -17.68 -2.74 5.18
N PRO A 143 -17.83 -1.42 5.11
CA PRO A 143 -18.53 -0.79 3.99
C PRO A 143 -17.70 -0.40 2.78
N ALA A 144 -16.39 -0.52 2.78
CA ALA A 144 -15.58 -0.07 1.66
C ALA A 144 -16.05 -0.78 0.41
N PRO A 145 -16.21 -0.05 -0.69
CA PRO A 145 -16.84 -0.66 -1.87
C PRO A 145 -15.89 -1.28 -2.86
N ARG A 146 -14.59 -1.25 -2.61
CA ARG A 146 -13.59 -1.77 -3.52
C ARG A 146 -12.30 -1.99 -2.75
N PRO A 147 -11.38 -2.76 -3.32
CA PRO A 147 -10.14 -3.10 -2.61
C PRO A 147 -9.24 -1.89 -2.37
N LEU A 148 -8.40 -2.01 -1.35
CA LEU A 148 -7.39 -1.01 -1.07
C LEU A 148 -6.36 -0.96 -2.20
N PRO A 149 -6.11 0.20 -2.81
CA PRO A 149 -5.13 0.23 -3.89
C PRO A 149 -3.74 -0.22 -3.47
N ILE A 150 -3.11 -0.94 -4.37
CA ILE A 150 -1.73 -1.40 -4.28
C ILE A 150 -0.82 -0.44 -5.02
N VAL A 151 0.32 -0.14 -4.39
CA VAL A 151 1.40 0.59 -5.02
C VAL A 151 2.37 -0.45 -5.59
N ILE A 152 2.54 -0.40 -6.90
CA ILE A 152 3.42 -1.34 -7.61
C ILE A 152 4.86 -0.93 -7.35
N LEU A 153 5.69 -1.91 -6.94
CA LEU A 153 7.07 -1.69 -6.63
C LEU A 153 7.98 -2.36 -7.62
N ASP A 154 9.18 -1.84 -7.71
CA ASP A 154 10.28 -2.40 -8.50
C ASP A 154 11.53 -2.35 -7.63
N TYR A 155 12.23 -3.44 -7.46
CA TYR A 155 13.47 -3.52 -6.73
C TYR A 155 14.63 -3.57 -7.74
N ASP A 156 15.56 -2.67 -7.56
CA ASP A 156 16.77 -2.60 -8.39
C ASP A 156 17.80 -3.55 -7.75
N SER A 157 18.01 -4.68 -8.38
CA SER A 157 18.89 -5.70 -7.80
C SER A 157 20.37 -5.21 -7.79
N SER A 158 20.73 -4.23 -8.58
CA SER A 158 22.11 -3.73 -8.57
C SER A 158 22.44 -2.90 -7.34
N THR A 159 21.41 -2.18 -6.83
CA THR A 159 21.64 -1.17 -5.80
C THR A 159 20.95 -1.49 -4.51
N GLY A 160 19.93 -2.36 -4.52
CA GLY A 160 19.12 -2.62 -3.36
C GLY A 160 17.98 -1.63 -3.18
N ASP A 161 17.82 -0.64 -4.04
CA ASP A 161 16.78 0.35 -3.89
C ASP A 161 15.45 -0.16 -4.35
N ILE A 162 14.43 0.17 -3.56
CA ILE A 162 13.01 -0.13 -3.84
C ILE A 162 12.32 1.09 -4.36
N TYR A 163 11.74 0.99 -5.53
CA TYR A 163 11.05 2.08 -6.19
C TYR A 163 9.54 1.82 -6.24
N ALA A 164 8.76 2.88 -6.08
CA ALA A 164 7.35 2.87 -6.42
C ALA A 164 7.22 3.33 -7.87
N VAL A 165 6.44 2.58 -8.65
CA VAL A 165 6.34 2.79 -10.11
C VAL A 165 4.94 2.87 -10.64
N GLY A 166 3.91 2.60 -9.83
CA GLY A 166 2.55 2.77 -10.30
C GLY A 166 1.58 2.39 -9.20
N THR A 167 0.28 2.38 -9.55
CA THR A 167 -0.74 1.82 -8.69
C THR A 167 -1.67 0.98 -9.54
N ASN A 168 -2.40 0.07 -8.89
CA ASN A 168 -3.35 -0.75 -9.62
C ASN A 168 -4.72 -0.11 -9.74
N ALA A 169 -4.95 1.04 -9.07
CA ALA A 169 -6.27 1.65 -8.98
C ALA A 169 -6.11 3.05 -8.55
N PRO A 170 -7.11 3.90 -8.78
CA PRO A 170 -7.13 5.26 -8.18
C PRO A 170 -7.30 5.16 -6.68
N TYR A 171 -6.69 6.11 -6.00
CA TYR A 171 -6.92 6.33 -4.57
C TYR A 171 -8.33 6.88 -4.35
N PHE A 172 -8.72 6.97 -3.09
CA PHE A 172 -9.98 7.57 -2.70
C PHE A 172 -10.18 8.90 -3.39
N SER A 173 -11.40 9.11 -3.88
CA SER A 173 -11.80 10.39 -4.49
C SER A 173 -12.37 11.28 -3.39
N ALA A 174 -11.64 12.34 -3.12
CA ALA A 174 -12.05 13.34 -2.11
C ALA A 174 -12.76 14.49 -2.81
N GLY A 175 -12.05 15.56 -3.17
CA GLY A 175 -12.65 16.65 -3.88
C GLY A 175 -12.58 16.48 -5.39
N ILE A 176 -11.62 15.80 -5.93
CA ILE A 176 -11.36 15.60 -7.32
C ILE A 176 -11.65 14.12 -7.63
N PRO A 177 -12.48 13.80 -8.60
CA PRO A 177 -12.72 12.40 -8.96
C PRO A 177 -11.42 11.80 -9.49
N ARG A 178 -11.16 10.56 -9.06
CA ARG A 178 -10.07 9.77 -9.58
C ARG A 178 -10.67 8.49 -10.14
N THR A 179 -10.66 8.35 -11.45
CA THR A 179 -11.34 7.22 -12.10
C THR A 179 -10.36 6.30 -12.84
N THR A 180 -9.12 6.56 -12.84
CA THR A 180 -8.06 5.72 -13.43
C THR A 180 -6.91 5.76 -12.47
N PRO A 181 -5.98 4.80 -12.54
CA PRO A 181 -4.79 4.91 -11.68
C PRO A 181 -4.05 6.23 -11.85
N GLN A 182 -3.91 6.69 -13.11
CA GLN A 182 -3.16 7.90 -13.39
C GLN A 182 -3.80 9.14 -12.85
N ASP A 183 -5.09 9.10 -12.48
CA ASP A 183 -5.70 10.22 -11.75
C ASP A 183 -5.07 10.41 -10.37
N ASN A 184 -4.27 9.48 -9.90
CA ASN A 184 -3.48 9.71 -8.68
C ASN A 184 -2.44 10.80 -8.88
N LEU A 185 -2.15 11.15 -10.11
CA LEU A 185 -1.23 12.26 -10.40
C LEU A 185 -1.90 13.61 -10.30
N LEU A 186 -3.21 13.67 -10.12
CA LEU A 186 -3.91 14.94 -9.95
C LEU A 186 -3.74 15.45 -8.51
N TYR A 187 -3.51 16.72 -8.38
CA TYR A 187 -3.43 17.41 -7.08
C TYR A 187 -4.81 17.74 -6.62
N ASP A 188 -5.16 17.25 -5.44
CA ASP A 188 -6.41 17.55 -4.73
C ASP A 188 -6.06 18.16 -3.41
N PRO A 189 -6.34 19.42 -3.19
CA PRO A 189 -6.06 20.06 -1.92
C PRO A 189 -6.73 19.36 -0.73
N ARG A 190 -7.79 18.61 -0.91
CA ARG A 190 -8.38 17.90 0.20
C ARG A 190 -7.49 16.79 0.76
N TYR A 191 -6.46 16.36 -0.02
CA TYR A 191 -5.49 15.41 0.47
C TYR A 191 -4.50 16.15 1.35
N SER A 192 -4.85 16.28 2.63
N SER A 192 -4.75 16.26 2.64
CA SER A 192 -4.04 16.77 3.77
CA SER A 192 -3.81 17.02 3.48
C SER A 192 -3.98 15.60 4.82
C SER A 192 -3.11 16.08 4.43
N TYR A 193 -2.99 14.77 4.44
N TYR A 193 -3.14 14.75 4.37
CA TYR A 193 -2.63 13.67 5.19
C TYR A 193 -1.10 13.81 5.37
N SER A 194 -0.75 13.61 6.55
CA SER A 194 0.72 13.44 6.86
C SER A 194 1.21 11.96 6.74
N VAL A 195 2.48 11.84 6.70
CA VAL A 195 3.27 10.65 6.51
C VAL A 195 3.93 10.41 7.85
N PRO A 196 3.59 9.32 8.54
CA PRO A 196 4.26 8.99 9.83
C PRO A 196 5.77 8.84 9.72
N ASN A 197 6.48 9.23 10.77
CA ASN A 197 7.94 8.97 10.80
C ASN A 197 8.19 7.47 10.99
N ASN A 198 9.23 6.98 10.35
CA ASN A 198 9.61 5.58 10.45
C ASN A 198 10.74 5.43 11.45
N PRO A 199 10.73 4.45 12.32
CA PRO A 199 9.68 3.51 12.56
C PRO A 199 8.53 4.12 13.34
N SER A 200 7.31 3.70 13.04
CA SER A 200 6.11 4.24 13.65
C SER A 200 5.32 3.21 14.43
N CYS A 201 5.64 1.94 14.38
CA CYS A 201 4.73 0.90 14.92
C CYS A 201 4.59 1.02 16.41
N SER A 202 3.43 0.65 16.86
CA SER A 202 3.12 0.53 18.28
C SER A 202 2.22 -0.70 18.41
N ASN A 203 2.19 -1.32 19.59
CA ASN A 203 1.27 -2.41 19.85
C ASN A 203 -0.09 -1.88 20.34
N GLY A 204 -1.19 -2.27 19.69
CA GLY A 204 -2.46 -1.67 20.11
C GLY A 204 -3.56 -2.64 20.40
MG MG B . -8.18 -12.48 7.87
FE1 FES C . -12.53 3.73 6.49
FE2 FES C . -15.16 4.44 6.50
S1 FES C . -14.30 2.41 6.99
S2 FES C . -13.39 5.79 6.12
#